data_3EEG
#
_entry.id   3EEG
#
_cell.length_a   118.666
_cell.length_b   118.666
_cell.length_c   154.910
_cell.angle_alpha   90.00
_cell.angle_beta   90.00
_cell.angle_gamma   120.00
#
_symmetry.space_group_name_H-M   'P 65 2 2'
#
loop_
_entity.id
_entity.type
_entity.pdbx_description
1 polymer '2-isopropylmalate synthase'
2 water water
#
_entity_poly.entity_id   1
_entity_poly.type   'polypeptide(L)'
_entity_poly.pdbx_seq_one_letter_code
;(MSE)SLGKRIFVFDTTLRDGEQVPGCQLNTEEKIIVAKALDELGVDVIEAGFPVSSPGDFNSVVEITKAVTRPTICALT
RAKEADINIAGEALRFAKRSRIHTGIGSSDIHIEHKLRSTRENILE(MSE)AVAAVKQAKKVVHEVEFFCEDAGRADQAF
LAR(MSE)VEAVIEAGADVVNIPDTTGY(MSE)LPWQYGERIKYL(MSE)DNVSNIDKAILSAHCHNDLGLATANSLAAL
QNGARQVECTINGIGERAGNTALEEVV(MSE)A(MSE)ECHKETLGLETGINHKKLVPISHLVSTL(MSE)R(MSE)QVQ
SNKAIVGRNAFAHSSGIHQDGFLKHRETYEIIDEGHHHHHH
;
_entity_poly.pdbx_strand_id   A,B
#
# COMPACT_ATOMS: atom_id res chain seq x y z
N GLY A 4 -0.66 -20.47 15.61
CA GLY A 4 -0.61 -19.71 14.29
C GLY A 4 0.52 -20.15 13.38
N LYS A 5 0.41 -19.87 12.09
CA LYS A 5 1.46 -20.24 11.14
C LYS A 5 2.59 -19.21 11.24
N ARG A 6 3.81 -19.69 11.43
CA ARG A 6 4.95 -18.81 11.54
C ARG A 6 5.42 -18.33 10.17
N ILE A 7 5.54 -17.01 10.05
CA ILE A 7 6.01 -16.41 8.82
C ILE A 7 7.39 -15.83 9.14
N PHE A 8 8.37 -16.11 8.31
CA PHE A 8 9.69 -15.61 8.58
C PHE A 8 10.03 -14.32 7.85
N VAL A 9 10.77 -13.47 8.54
CA VAL A 9 11.21 -12.17 8.04
C VAL A 9 12.68 -12.18 7.57
N PHE A 10 12.90 -11.92 6.29
CA PHE A 10 14.25 -11.89 5.74
C PHE A 10 14.60 -10.44 5.43
N ASP A 11 15.35 -9.81 6.35
CA ASP A 11 15.73 -8.42 6.17
C ASP A 11 16.95 -8.33 5.32
N THR A 12 16.88 -7.48 4.30
CA THR A 12 17.96 -7.26 3.35
C THR A 12 18.49 -5.81 3.40
N THR A 13 18.12 -5.10 4.47
CA THR A 13 18.47 -3.71 4.64
C THR A 13 19.94 -3.28 4.72
N LEU A 14 20.85 -4.24 4.91
CA LEU A 14 22.28 -3.90 4.94
C LEU A 14 22.82 -3.69 3.53
N ARG A 15 22.14 -4.26 2.54
CA ARG A 15 22.57 -4.10 1.16
C ARG A 15 21.72 -3.01 0.52
N ASP A 16 21.66 -1.85 1.18
CA ASP A 16 20.87 -0.71 0.72
C ASP A 16 21.38 0.61 1.32
N GLY A 17 22.62 0.93 1.03
CA GLY A 17 23.20 2.17 1.52
C GLY A 17 23.48 3.06 0.32
N LEU A 25 28.48 2.80 5.16
CA LEU A 25 28.60 2.14 6.46
C LEU A 25 29.90 1.37 6.61
N ASN A 26 30.64 1.64 7.69
CA ASN A 26 31.88 0.91 7.92
C ASN A 26 31.58 -0.49 8.48
N THR A 27 32.66 -1.25 8.70
CA THR A 27 32.50 -2.61 9.16
C THR A 27 32.10 -2.85 10.62
N GLU A 28 31.50 -1.85 11.27
CA GLU A 28 31.04 -2.03 12.65
C GLU A 28 29.73 -1.31 12.85
N GLU A 29 29.36 -0.48 11.87
CA GLU A 29 28.08 0.19 11.90
C GLU A 29 27.12 -0.85 11.31
N LYS A 30 27.68 -1.76 10.51
CA LYS A 30 26.92 -2.85 9.91
C LYS A 30 26.66 -3.85 11.02
N ILE A 31 27.61 -4.00 11.94
CA ILE A 31 27.42 -4.93 13.05
C ILE A 31 26.36 -4.35 14.00
N ILE A 32 26.43 -3.05 14.23
CA ILE A 32 25.48 -2.40 15.12
C ILE A 32 24.06 -2.54 14.56
N VAL A 33 23.93 -2.33 13.26
CA VAL A 33 22.64 -2.43 12.58
C VAL A 33 22.14 -3.88 12.63
N ALA A 34 23.03 -4.79 12.29
CA ALA A 34 22.69 -6.20 12.28
C ALA A 34 22.25 -6.63 13.68
N LYS A 35 22.87 -6.07 14.72
CA LYS A 35 22.49 -6.41 16.08
C LYS A 35 21.10 -5.86 16.34
N ALA A 36 20.86 -4.63 15.90
CA ALA A 36 19.56 -4.00 16.11
C ALA A 36 18.49 -4.88 15.47
N LEU A 37 18.84 -5.42 14.30
CA LEU A 37 17.94 -6.29 13.58
C LEU A 37 17.72 -7.60 14.32
N ASP A 38 18.78 -8.13 14.93
CA ASP A 38 18.70 -9.37 15.70
C ASP A 38 17.75 -9.20 16.90
N GLU A 39 17.88 -8.06 17.57
CA GLU A 39 17.08 -7.74 18.73
C GLU A 39 15.64 -7.44 18.36
N LEU A 40 15.43 -6.97 17.14
CA LEU A 40 14.07 -6.65 16.71
C LEU A 40 13.33 -7.94 16.42
N GLY A 41 14.09 -9.01 16.22
CA GLY A 41 13.50 -10.31 15.96
C GLY A 41 13.35 -10.78 14.52
N VAL A 42 14.24 -10.33 13.63
CA VAL A 42 14.16 -10.81 12.25
C VAL A 42 14.79 -12.19 12.24
N ASP A 43 14.33 -13.05 11.33
CA ASP A 43 14.83 -14.41 11.26
C ASP A 43 16.06 -14.61 10.40
N VAL A 44 16.17 -13.85 9.31
CA VAL A 44 17.32 -13.97 8.45
C VAL A 44 17.81 -12.58 8.08
N ILE A 45 19.07 -12.28 8.33
CA ILE A 45 19.57 -10.97 7.93
C ILE A 45 20.70 -11.18 6.91
N GLU A 46 20.53 -10.60 5.72
CA GLU A 46 21.53 -10.70 4.67
C GLU A 46 22.73 -9.77 4.99
N ALA A 47 23.87 -10.39 5.27
CA ALA A 47 25.10 -9.68 5.63
C ALA A 47 25.82 -8.98 4.48
N GLY A 48 25.80 -9.56 3.27
CA GLY A 48 26.51 -8.91 2.19
C GLY A 48 26.73 -9.75 0.95
N PHE A 49 27.59 -9.23 0.07
CA PHE A 49 27.92 -9.86 -1.20
C PHE A 49 29.44 -10.22 -1.29
N PRO A 50 29.91 -11.14 -0.42
CA PRO A 50 31.29 -11.64 -0.29
C PRO A 50 32.22 -11.66 -1.49
N VAL A 51 31.70 -11.97 -2.67
CA VAL A 51 32.54 -12.08 -3.87
C VAL A 51 33.05 -10.72 -4.42
N SER A 52 32.28 -9.68 -4.16
CA SER A 52 32.61 -8.35 -4.65
C SER A 52 34.02 -7.86 -4.27
N SER A 53 34.36 -7.91 -2.99
CA SER A 53 35.68 -7.44 -2.58
C SER A 53 36.07 -7.97 -1.22
N PRO A 54 37.37 -7.95 -0.90
CA PRO A 54 37.84 -8.43 0.41
C PRO A 54 37.11 -7.76 1.58
N GLY A 55 36.77 -6.49 1.39
CA GLY A 55 36.07 -5.75 2.44
C GLY A 55 34.66 -6.24 2.73
N ASP A 56 33.98 -6.74 1.70
CA ASP A 56 32.63 -7.24 1.85
C ASP A 56 32.71 -8.65 2.42
N PHE A 57 33.74 -9.39 2.04
CA PHE A 57 33.96 -10.74 2.53
C PHE A 57 34.19 -10.58 4.03
N ASN A 58 35.19 -9.77 4.33
CA ASN A 58 35.58 -9.49 5.70
C ASN A 58 34.43 -8.98 6.56
N SER A 59 33.54 -8.17 5.99
CA SER A 59 32.43 -7.65 6.77
C SER A 59 31.36 -8.73 6.99
N VAL A 60 31.28 -9.68 6.05
CA VAL A 60 30.31 -10.77 6.19
C VAL A 60 30.72 -11.73 7.33
N VAL A 61 32.01 -12.07 7.40
CA VAL A 61 32.46 -12.98 8.45
C VAL A 61 32.33 -12.26 9.77
N GLU A 62 32.53 -10.95 9.74
CA GLU A 62 32.43 -10.16 10.94
C GLU A 62 31.00 -10.14 11.46
N ILE A 63 30.01 -10.17 10.57
CA ILE A 63 28.62 -10.20 11.02
C ILE A 63 28.34 -11.55 11.70
N THR A 64 28.84 -12.64 11.09
CA THR A 64 28.64 -13.99 11.62
C THR A 64 29.32 -14.26 12.96
N LYS A 65 30.13 -13.33 13.43
CA LYS A 65 30.80 -13.51 14.71
C LYS A 65 30.08 -12.73 15.79
N ALA A 66 29.60 -11.55 15.42
CA ALA A 66 28.90 -10.67 16.33
C ALA A 66 27.46 -11.07 16.56
N VAL A 67 26.77 -11.51 15.52
CA VAL A 67 25.36 -11.89 15.63
C VAL A 67 25.21 -13.36 15.24
N THR A 68 24.46 -14.11 16.05
CA THR A 68 24.34 -15.53 15.79
C THR A 68 22.97 -16.16 15.96
N ARG A 69 22.03 -15.46 16.59
CA ARG A 69 20.69 -16.03 16.77
C ARG A 69 20.01 -16.09 15.41
N PRO A 70 19.87 -14.93 14.73
CA PRO A 70 19.23 -15.04 13.42
C PRO A 70 20.22 -15.75 12.49
N THR A 71 19.72 -16.33 11.40
CA THR A 71 20.63 -16.99 10.49
C THR A 71 21.18 -15.96 9.52
N ILE A 72 22.51 -15.96 9.36
CA ILE A 72 23.19 -15.02 8.47
C ILE A 72 23.26 -15.47 7.01
N CYS A 73 22.76 -14.61 6.13
CA CYS A 73 22.73 -14.89 4.69
C CYS A 73 23.73 -14.05 3.87
N ALA A 74 24.29 -14.64 2.81
CA ALA A 74 25.19 -13.92 1.92
C ALA A 74 24.59 -14.08 0.53
N LEU A 75 24.82 -13.11 -0.35
CA LEU A 75 24.28 -13.14 -1.70
C LEU A 75 25.40 -13.49 -2.66
N THR A 76 25.10 -14.25 -3.72
CA THR A 76 26.11 -14.62 -4.73
C THR A 76 25.50 -14.98 -6.06
N ARG A 77 26.26 -14.83 -7.13
CA ARG A 77 25.74 -15.17 -8.42
C ARG A 77 25.66 -16.69 -8.47
N ALA A 78 24.88 -17.19 -9.42
CA ALA A 78 24.74 -18.62 -9.62
C ALA A 78 26.01 -19.16 -10.31
N LYS A 79 27.13 -19.13 -9.61
CA LYS A 79 28.38 -19.61 -10.19
C LYS A 79 29.16 -20.33 -9.11
N GLU A 80 29.55 -21.56 -9.39
CA GLU A 80 30.28 -22.35 -8.42
C GLU A 80 31.33 -21.54 -7.70
N ALA A 81 32.15 -20.81 -8.47
CA ALA A 81 33.21 -19.99 -7.91
C ALA A 81 32.73 -19.07 -6.79
N ASP A 82 31.67 -18.30 -7.05
CA ASP A 82 31.13 -17.39 -6.04
C ASP A 82 30.53 -18.12 -4.83
N ILE A 83 29.71 -19.12 -5.09
CA ILE A 83 29.07 -19.86 -4.02
C ILE A 83 30.09 -20.32 -2.97
N ASN A 84 31.18 -20.94 -3.43
CA ASN A 84 32.22 -21.44 -2.53
C ASN A 84 32.90 -20.36 -1.71
N ILE A 85 33.12 -19.20 -2.33
CA ILE A 85 33.71 -18.06 -1.64
C ILE A 85 32.66 -17.64 -0.60
N ALA A 86 31.41 -17.46 -1.02
CA ALA A 86 30.35 -17.10 -0.08
C ALA A 86 30.39 -18.10 1.09
N GLY A 87 30.64 -19.37 0.77
CA GLY A 87 30.73 -20.40 1.80
C GLY A 87 31.87 -20.12 2.77
N GLU A 88 33.00 -19.64 2.26
CA GLU A 88 34.15 -19.33 3.11
C GLU A 88 33.82 -18.18 4.08
N ALA A 89 32.97 -17.25 3.62
CA ALA A 89 32.62 -16.10 4.43
C ALA A 89 31.57 -16.35 5.49
N LEU A 90 30.69 -17.31 5.23
CA LEU A 90 29.65 -17.65 6.18
C LEU A 90 30.09 -18.79 7.09
N ARG A 91 31.25 -19.35 6.75
CA ARG A 91 31.89 -20.43 7.48
C ARG A 91 31.77 -20.38 9.02
N PHE A 92 31.82 -19.20 9.64
CA PHE A 92 31.70 -19.16 11.10
C PHE A 92 30.28 -18.94 11.62
N ALA A 93 29.29 -18.93 10.73
CA ALA A 93 27.91 -18.67 11.15
C ALA A 93 27.21 -19.83 11.83
N LYS A 94 26.58 -19.56 12.97
CA LYS A 94 25.85 -20.59 13.70
C LYS A 94 24.82 -21.22 12.76
N ARG A 95 24.12 -20.37 12.03
CA ARG A 95 23.13 -20.81 11.08
C ARG A 95 23.36 -19.97 9.83
N SER A 96 24.00 -20.54 8.83
CA SER A 96 24.28 -19.80 7.60
C SER A 96 23.28 -20.12 6.49
N ARG A 97 23.30 -19.31 5.43
CA ARG A 97 22.42 -19.51 4.29
C ARG A 97 22.92 -18.75 3.08
N ILE A 98 22.92 -19.40 1.94
CA ILE A 98 23.33 -18.70 0.74
C ILE A 98 22.03 -18.30 0.03
N HIS A 99 22.15 -17.30 -0.81
CA HIS A 99 21.03 -16.74 -1.50
C HIS A 99 21.47 -16.52 -2.94
N THR A 100 20.94 -17.33 -3.86
CA THR A 100 21.32 -17.19 -5.26
C THR A 100 20.11 -17.38 -6.17
N GLY A 101 20.32 -17.19 -7.47
CA GLY A 101 19.24 -17.35 -8.42
C GLY A 101 19.61 -17.06 -9.86
N ILE A 102 18.63 -17.14 -10.74
CA ILE A 102 18.83 -16.86 -12.15
C ILE A 102 17.46 -16.60 -12.77
N GLY A 103 17.44 -15.87 -13.90
CA GLY A 103 16.21 -15.53 -14.61
C GLY A 103 15.22 -16.64 -14.92
N SER A 104 13.94 -16.28 -14.96
CA SER A 104 12.86 -17.23 -15.25
C SER A 104 11.87 -16.69 -16.28
N SER A 105 12.05 -15.43 -16.67
CA SER A 105 11.15 -14.85 -17.66
C SER A 105 11.72 -15.17 -19.03
N ASP A 106 10.87 -15.23 -20.05
CA ASP A 106 11.36 -15.51 -21.39
C ASP A 106 12.22 -14.32 -21.75
N ILE A 107 11.73 -13.14 -21.38
CA ILE A 107 12.44 -11.89 -21.64
C ILE A 107 13.90 -12.01 -21.17
N HIS A 108 14.06 -12.54 -19.97
CA HIS A 108 15.37 -12.72 -19.34
C HIS A 108 16.18 -13.81 -20.02
N ILE A 109 15.59 -15.00 -20.12
CA ILE A 109 16.27 -16.13 -20.75
C ILE A 109 16.81 -15.77 -22.13
N GLU A 110 16.07 -14.97 -22.87
CA GLU A 110 16.49 -14.51 -24.20
C GLU A 110 17.16 -13.14 -24.08
N SER A 115 21.11 -15.90 -22.75
CA SER A 115 20.59 -16.40 -24.02
C SER A 115 20.14 -17.84 -23.97
N THR A 116 19.95 -18.47 -22.83
CA THR A 116 19.73 -19.88 -23.07
C THR A 116 18.40 -20.45 -23.52
N ARG A 117 18.21 -21.70 -23.17
CA ARG A 117 17.03 -22.43 -23.55
C ARG A 117 16.38 -22.73 -22.23
N GLU A 118 15.06 -22.77 -22.18
CA GLU A 118 14.39 -23.04 -20.91
C GLU A 118 14.99 -24.30 -20.27
N ASN A 119 15.80 -24.99 -21.04
CA ASN A 119 16.43 -26.24 -20.61
C ASN A 119 17.67 -26.05 -19.78
N ILE A 120 18.60 -25.35 -20.40
CA ILE A 120 19.88 -25.03 -19.84
C ILE A 120 19.69 -24.08 -18.66
N LEU A 121 18.47 -23.58 -18.48
CA LEU A 121 18.22 -22.69 -17.36
C LEU A 121 18.20 -23.55 -16.10
N GLU A 122 17.89 -24.83 -16.30
CA GLU A 122 17.89 -25.78 -15.20
C GLU A 122 19.34 -25.93 -14.74
N MSE A 123 20.15 -24.93 -15.11
CA MSE A 123 21.55 -24.87 -14.69
C MSE A 123 21.47 -24.17 -13.32
O MSE A 123 22.44 -23.64 -12.80
CB MSE A 123 22.38 -24.04 -15.68
CG MSE A 123 22.12 -22.54 -15.72
SE MSE A 123 23.15 -21.61 -17.15
CE MSE A 123 21.77 -20.55 -17.98
N ALA A 124 20.25 -24.16 -12.79
CA ALA A 124 19.97 -23.59 -11.49
C ALA A 124 20.15 -24.71 -10.46
N VAL A 125 19.66 -25.90 -10.80
CA VAL A 125 19.77 -27.08 -9.94
C VAL A 125 21.21 -27.27 -9.53
N ALA A 126 22.12 -27.09 -10.50
CA ALA A 126 23.54 -27.23 -10.26
C ALA A 126 23.98 -26.23 -9.20
N ALA A 127 23.44 -25.02 -9.31
CA ALA A 127 23.78 -23.97 -8.37
C ALA A 127 23.30 -24.31 -6.96
N VAL A 128 22.13 -24.92 -6.86
CA VAL A 128 21.60 -25.26 -5.56
C VAL A 128 22.42 -26.36 -4.87
N LYS A 129 22.66 -27.46 -5.56
CA LYS A 129 23.42 -28.55 -4.97
C LYS A 129 24.80 -28.03 -4.53
N GLN A 130 25.43 -27.26 -5.39
CA GLN A 130 26.74 -26.69 -5.09
C GLN A 130 26.68 -25.96 -3.77
N ALA A 131 25.63 -25.15 -3.60
CA ALA A 131 25.45 -24.37 -2.40
C ALA A 131 25.10 -25.17 -1.14
N LYS A 132 24.29 -26.23 -1.28
CA LYS A 132 23.91 -27.07 -0.15
C LYS A 132 25.14 -27.75 0.43
N LYS A 133 26.16 -27.94 -0.40
CA LYS A 133 27.39 -28.59 0.02
C LYS A 133 28.28 -27.70 0.87
N VAL A 134 27.98 -26.40 0.85
CA VAL A 134 28.82 -25.44 1.54
C VAL A 134 28.18 -24.55 2.63
N VAL A 135 26.90 -24.75 2.92
CA VAL A 135 26.22 -23.97 3.96
C VAL A 135 24.94 -24.67 4.45
N HIS A 136 24.40 -24.20 5.58
CA HIS A 136 23.23 -24.84 6.17
C HIS A 136 21.98 -24.78 5.33
N GLU A 137 21.52 -23.56 5.05
CA GLU A 137 20.31 -23.34 4.27
C GLU A 137 20.65 -22.73 2.90
N VAL A 138 19.72 -22.84 1.96
CA VAL A 138 19.92 -22.28 0.63
C VAL A 138 18.60 -21.70 0.09
N GLU A 139 18.60 -20.43 -0.30
CA GLU A 139 17.41 -19.81 -0.87
C GLU A 139 17.70 -19.42 -2.29
N PHE A 140 16.99 -20.04 -3.21
CA PHE A 140 17.12 -19.79 -4.63
C PHE A 140 15.95 -18.90 -5.04
N PHE A 141 16.24 -17.77 -5.68
CA PHE A 141 15.17 -16.89 -6.13
C PHE A 141 14.99 -16.97 -7.66
N CYS A 142 13.74 -16.91 -8.12
CA CYS A 142 13.46 -16.95 -9.55
C CYS A 142 13.19 -15.52 -10.04
N GLU A 143 14.25 -14.88 -10.51
CA GLU A 143 14.19 -13.50 -10.96
C GLU A 143 13.16 -13.24 -12.03
N ASP A 144 12.43 -12.14 -11.85
CA ASP A 144 11.40 -11.73 -12.79
C ASP A 144 10.24 -12.73 -12.78
N ALA A 145 10.15 -13.48 -11.70
CA ALA A 145 9.12 -14.49 -11.49
C ALA A 145 7.74 -13.97 -11.89
N GLY A 146 7.49 -12.70 -11.61
CA GLY A 146 6.20 -12.16 -11.94
C GLY A 146 5.85 -12.22 -13.41
N ARG A 147 6.83 -12.34 -14.28
CA ARG A 147 6.56 -12.35 -15.71
C ARG A 147 6.93 -13.66 -16.40
N ALA A 148 7.08 -14.70 -15.59
CA ALA A 148 7.46 -16.02 -16.12
C ALA A 148 6.23 -16.83 -16.50
N ASP A 149 6.40 -17.76 -17.45
CA ASP A 149 5.32 -18.65 -17.83
C ASP A 149 5.01 -19.39 -16.51
N GLN A 150 3.80 -19.28 -16.00
CA GLN A 150 3.47 -19.92 -14.75
C GLN A 150 3.73 -21.42 -14.70
N ALA A 151 3.38 -22.12 -15.75
CA ALA A 151 3.61 -23.55 -15.77
C ALA A 151 5.11 -23.82 -15.70
N PHE A 152 5.89 -23.01 -16.43
CA PHE A 152 7.34 -23.15 -16.44
C PHE A 152 7.97 -22.84 -15.09
N LEU A 153 7.54 -21.75 -14.45
CA LEU A 153 8.06 -21.39 -13.13
C LEU A 153 7.74 -22.54 -12.18
N ALA A 154 6.58 -23.15 -12.36
CA ALA A 154 6.17 -24.27 -11.51
C ALA A 154 7.26 -25.34 -11.64
N ARG A 155 7.67 -25.60 -12.87
CA ARG A 155 8.72 -26.58 -13.12
C ARG A 155 10.05 -26.18 -12.44
N MSE A 156 10.40 -24.90 -12.53
CA MSE A 156 11.64 -24.42 -11.92
C MSE A 156 11.62 -24.49 -10.39
O MSE A 156 12.63 -24.79 -9.77
CB MSE A 156 11.93 -22.99 -12.38
CG MSE A 156 13.29 -22.48 -11.93
SE MSE A 156 13.60 -20.64 -12.45
CE MSE A 156 14.35 -20.91 -14.21
N VAL A 157 10.47 -24.22 -9.79
CA VAL A 157 10.38 -24.30 -8.34
C VAL A 157 10.55 -25.76 -7.89
N GLU A 158 9.81 -26.66 -8.54
CA GLU A 158 9.89 -28.10 -8.21
C GLU A 158 11.32 -28.59 -8.33
N ALA A 159 11.97 -28.15 -9.39
CA ALA A 159 13.34 -28.54 -9.67
C ALA A 159 14.29 -28.05 -8.57
N VAL A 160 14.23 -26.77 -8.27
CA VAL A 160 15.10 -26.21 -7.25
C VAL A 160 14.88 -26.86 -5.88
N ILE A 161 13.61 -27.21 -5.57
CA ILE A 161 13.32 -27.84 -4.28
C ILE A 161 13.92 -29.24 -4.24
N GLU A 162 13.76 -29.96 -5.34
CA GLU A 162 14.32 -31.31 -5.47
C GLU A 162 15.84 -31.23 -5.37
N ALA A 163 16.42 -30.19 -5.96
CA ALA A 163 17.87 -30.00 -5.93
C ALA A 163 18.34 -29.79 -4.50
N GLY A 164 17.40 -29.43 -3.60
CA GLY A 164 17.72 -29.21 -2.20
C GLY A 164 17.43 -27.84 -1.60
N ALA A 165 16.98 -26.88 -2.42
CA ALA A 165 16.71 -25.54 -1.90
C ALA A 165 15.72 -25.50 -0.72
N ASP A 166 16.04 -24.73 0.31
CA ASP A 166 15.19 -24.65 1.49
C ASP A 166 14.14 -23.60 1.31
N VAL A 167 14.48 -22.55 0.60
CA VAL A 167 13.53 -21.47 0.36
C VAL A 167 13.60 -21.06 -1.11
N VAL A 168 12.44 -21.00 -1.77
CA VAL A 168 12.41 -20.56 -3.16
C VAL A 168 11.68 -19.22 -3.17
N ASN A 169 12.35 -18.19 -3.70
CA ASN A 169 11.84 -16.84 -3.76
C ASN A 169 11.10 -16.52 -5.08
N ILE A 170 9.91 -15.92 -4.98
CA ILE A 170 9.10 -15.55 -6.14
C ILE A 170 8.82 -14.04 -6.22
N PRO A 171 9.82 -13.26 -6.62
CA PRO A 171 9.75 -11.78 -6.75
C PRO A 171 8.85 -11.13 -7.80
N ASP A 172 8.51 -9.87 -7.53
CA ASP A 172 7.74 -9.05 -8.45
C ASP A 172 8.80 -8.03 -8.85
N THR A 173 9.79 -8.50 -9.59
CA THR A 173 10.90 -7.66 -10.02
C THR A 173 10.53 -6.31 -10.61
N THR A 174 9.53 -6.26 -11.47
CA THR A 174 9.11 -4.98 -12.06
C THR A 174 8.53 -4.07 -10.98
N GLY A 175 7.70 -4.64 -10.11
CA GLY A 175 7.09 -3.88 -9.04
C GLY A 175 5.78 -3.29 -9.50
N TYR A 176 5.20 -3.88 -10.54
CA TYR A 176 3.95 -3.39 -11.14
C TYR A 176 2.75 -4.30 -10.96
N MSE A 177 2.91 -5.36 -10.19
CA MSE A 177 1.79 -6.26 -10.01
C MSE A 177 0.75 -5.80 -9.01
O MSE A 177 1.06 -5.12 -8.03
CB MSE A 177 2.29 -7.64 -9.63
CG MSE A 177 2.98 -8.37 -10.78
SE MSE A 177 3.34 -10.25 -10.43
CE MSE A 177 5.13 -10.02 -9.83
N LEU A 178 -0.50 -6.15 -9.26
CA LEU A 178 -1.58 -5.82 -8.36
C LEU A 178 -1.71 -6.98 -7.35
N PRO A 179 -2.12 -6.71 -6.12
CA PRO A 179 -2.28 -7.73 -5.08
C PRO A 179 -2.74 -9.12 -5.50
N TRP A 180 -4.02 -9.27 -5.82
CA TRP A 180 -4.56 -10.57 -6.19
C TRP A 180 -3.79 -11.25 -7.30
N GLN A 181 -3.11 -10.48 -8.13
CA GLN A 181 -2.34 -11.08 -9.20
C GLN A 181 -1.18 -11.82 -8.58
N TYR A 182 -0.32 -11.09 -7.88
CA TYR A 182 0.82 -11.67 -7.21
C TYR A 182 0.29 -12.80 -6.32
N GLY A 183 -0.86 -12.54 -5.70
CA GLY A 183 -1.47 -13.54 -4.84
C GLY A 183 -1.81 -14.82 -5.60
N GLU A 184 -2.38 -14.67 -6.80
CA GLU A 184 -2.74 -15.83 -7.60
C GLU A 184 -1.51 -16.56 -8.11
N ARG A 185 -0.41 -15.85 -8.19
CA ARG A 185 0.84 -16.41 -8.65
C ARG A 185 1.35 -17.36 -7.57
N ILE A 186 1.36 -16.89 -6.33
CA ILE A 186 1.82 -17.72 -5.23
C ILE A 186 0.93 -18.96 -5.12
N LYS A 187 -0.38 -18.75 -5.06
CA LYS A 187 -1.32 -19.85 -4.94
C LYS A 187 -1.16 -20.85 -6.07
N TYR A 188 -0.93 -20.36 -7.28
CA TYR A 188 -0.77 -21.26 -8.40
C TYR A 188 0.40 -22.22 -8.09
N LEU A 189 1.51 -21.68 -7.59
CA LEU A 189 2.66 -22.53 -7.28
C LEU A 189 2.31 -23.47 -6.12
N MSE A 190 1.58 -22.94 -5.15
CA MSE A 190 1.16 -23.76 -4.04
C MSE A 190 0.41 -24.98 -4.61
O MSE A 190 0.67 -26.13 -4.25
CB MSE A 190 0.23 -22.95 -3.15
CG MSE A 190 0.92 -21.88 -2.35
SE MSE A 190 2.13 -22.65 -1.02
CE MSE A 190 0.92 -22.76 0.48
N ASP A 191 -0.54 -24.71 -5.51
CA ASP A 191 -1.33 -25.77 -6.11
C ASP A 191 -0.69 -26.52 -7.27
N ASN A 192 0.50 -26.13 -7.69
CA ASN A 192 1.10 -26.82 -8.82
C ASN A 192 2.50 -27.34 -8.63
N VAL A 193 3.15 -26.94 -7.55
CA VAL A 193 4.48 -27.47 -7.31
C VAL A 193 4.16 -28.79 -6.61
N SER A 194 4.75 -29.86 -7.10
CA SER A 194 4.49 -31.17 -6.53
C SER A 194 5.17 -31.41 -5.21
N ASN A 195 5.88 -30.41 -4.69
CA ASN A 195 6.58 -30.61 -3.44
C ASN A 195 6.77 -29.38 -2.56
N ILE A 196 6.04 -28.30 -2.82
CA ILE A 196 6.20 -27.09 -2.02
C ILE A 196 6.09 -27.33 -0.53
N ASP A 197 5.61 -28.50 -0.16
CA ASP A 197 5.45 -28.83 1.25
C ASP A 197 6.79 -28.85 1.98
N LYS A 198 7.80 -29.43 1.35
CA LYS A 198 9.15 -29.50 1.93
C LYS A 198 10.01 -28.25 1.66
N ALA A 199 9.41 -27.07 1.55
CA ALA A 199 10.18 -25.86 1.28
C ALA A 199 9.31 -24.61 1.49
N ILE A 200 9.94 -23.51 1.92
CA ILE A 200 9.27 -22.25 2.17
C ILE A 200 9.36 -21.33 0.96
N LEU A 201 8.21 -20.88 0.46
CA LEU A 201 8.19 -19.92 -0.66
C LEU A 201 8.33 -18.54 -0.02
N SER A 202 9.06 -17.65 -0.68
CA SER A 202 9.22 -16.32 -0.13
C SER A 202 8.73 -15.22 -1.08
N ALA A 203 8.12 -14.18 -0.50
CA ALA A 203 7.64 -13.03 -1.28
C ALA A 203 8.78 -12.01 -1.39
N HIS A 204 8.64 -11.06 -2.32
CA HIS A 204 9.64 -10.01 -2.54
C HIS A 204 9.00 -9.09 -3.56
N CYS A 205 8.33 -8.06 -3.05
CA CYS A 205 7.60 -7.12 -3.89
C CYS A 205 8.16 -5.72 -3.79
N HIS A 206 8.49 -5.16 -4.96
CA HIS A 206 9.05 -3.82 -5.02
C HIS A 206 7.87 -2.87 -4.95
N ASN A 207 8.10 -1.66 -4.48
CA ASN A 207 7.02 -0.70 -4.31
C ASN A 207 6.77 0.34 -5.42
N ASP A 208 7.10 0.01 -6.67
CA ASP A 208 6.90 0.95 -7.80
C ASP A 208 5.49 1.59 -7.90
N LEU A 209 4.46 0.83 -7.58
CA LEU A 209 3.10 1.32 -7.63
C LEU A 209 2.59 1.59 -6.21
N GLY A 210 3.50 1.50 -5.24
CA GLY A 210 3.14 1.72 -3.85
C GLY A 210 2.24 0.63 -3.30
N LEU A 211 2.36 -0.59 -3.82
CA LEU A 211 1.52 -1.69 -3.36
C LEU A 211 2.37 -2.88 -2.84
N ALA A 212 3.58 -2.60 -2.37
CA ALA A 212 4.43 -3.67 -1.88
C ALA A 212 3.91 -4.33 -0.59
N THR A 213 3.50 -3.54 0.41
CA THR A 213 2.99 -4.13 1.64
C THR A 213 1.75 -4.95 1.30
N ALA A 214 0.83 -4.34 0.56
CA ALA A 214 -0.40 -5.02 0.16
C ALA A 214 -0.10 -6.30 -0.63
N ASN A 215 0.98 -6.27 -1.41
CA ASN A 215 1.38 -7.43 -2.21
C ASN A 215 2.02 -8.55 -1.39
N SER A 216 2.89 -8.19 -0.44
CA SER A 216 3.55 -9.17 0.41
C SER A 216 2.49 -9.90 1.22
N LEU A 217 1.52 -9.15 1.75
CA LEU A 217 0.40 -9.73 2.53
C LEU A 217 -0.41 -10.66 1.63
N ALA A 218 -0.53 -10.30 0.36
CA ALA A 218 -1.27 -11.12 -0.59
C ALA A 218 -0.56 -12.47 -0.74
N ALA A 219 0.76 -12.44 -0.85
CA ALA A 219 1.53 -13.68 -0.98
C ALA A 219 1.41 -14.53 0.29
N LEU A 220 1.33 -13.86 1.44
CA LEU A 220 1.24 -14.55 2.71
C LEU A 220 -0.10 -15.25 2.82
N GLN A 221 -1.16 -14.56 2.38
CA GLN A 221 -2.50 -15.13 2.43
C GLN A 221 -2.66 -16.32 1.48
N ASN A 222 -1.71 -16.49 0.57
CA ASN A 222 -1.79 -17.59 -0.38
C ASN A 222 -0.86 -18.76 -0.10
N GLY A 223 0.01 -18.62 0.88
CA GLY A 223 0.91 -19.72 1.19
C GLY A 223 2.35 -19.38 1.45
N ALA A 224 2.78 -18.21 0.97
CA ALA A 224 4.15 -17.80 1.17
C ALA A 224 4.38 -17.72 2.67
N ARG A 225 5.55 -18.12 3.14
CA ARG A 225 5.81 -18.09 4.57
C ARG A 225 7.01 -17.26 4.94
N GLN A 226 7.56 -16.56 3.97
CA GLN A 226 8.69 -15.67 4.23
C GLN A 226 8.46 -14.37 3.45
N VAL A 227 8.86 -13.26 4.05
CA VAL A 227 8.74 -11.95 3.43
C VAL A 227 10.09 -11.28 3.42
N GLU A 228 10.49 -10.80 2.26
CA GLU A 228 11.75 -10.11 2.13
C GLU A 228 11.41 -8.64 2.23
N CYS A 229 12.18 -7.92 3.03
CA CYS A 229 11.93 -6.50 3.21
C CYS A 229 13.14 -5.78 3.76
N THR A 230 12.98 -4.47 3.92
CA THR A 230 14.05 -3.62 4.44
C THR A 230 13.34 -2.56 5.27
N ILE A 231 14.08 -1.96 6.19
CA ILE A 231 13.54 -0.91 7.04
C ILE A 231 13.15 0.27 6.16
N ASN A 232 11.96 0.83 6.42
CA ASN A 232 11.42 1.95 5.64
C ASN A 232 11.36 1.57 4.16
N GLY A 233 11.38 0.26 3.87
CA GLY A 233 11.37 -0.19 2.49
C GLY A 233 12.50 0.40 1.66
N ILE A 234 13.54 0.91 2.32
CA ILE A 234 14.68 1.50 1.61
C ILE A 234 15.09 0.58 0.47
N GLY A 235 15.57 1.16 -0.63
CA GLY A 235 15.98 0.33 -1.75
C GLY A 235 16.26 1.03 -3.05
N GLU A 236 16.65 0.24 -4.04
CA GLU A 236 16.95 0.74 -5.37
C GLU A 236 15.64 1.12 -6.06
N ARG A 237 15.71 2.11 -6.93
CA ARG A 237 14.55 2.59 -7.66
C ARG A 237 13.44 3.09 -6.72
N ALA A 238 12.33 2.38 -6.63
CA ALA A 238 11.25 2.81 -5.77
C ALA A 238 11.21 2.01 -4.46
N GLY A 239 12.32 1.35 -4.13
CA GLY A 239 12.37 0.58 -2.90
C GLY A 239 11.61 -0.74 -2.84
N ASN A 240 11.93 -1.54 -1.81
CA ASN A 240 11.31 -2.85 -1.58
C ASN A 240 10.12 -2.74 -0.62
N THR A 241 9.83 -3.85 0.05
CA THR A 241 8.72 -3.93 1.01
C THR A 241 9.18 -3.35 2.33
N ALA A 242 8.32 -2.57 2.96
CA ALA A 242 8.66 -1.97 4.26
C ALA A 242 8.43 -2.96 5.42
N LEU A 243 9.53 -3.50 5.94
CA LEU A 243 9.50 -4.42 7.07
C LEU A 243 8.51 -3.93 8.13
N GLU A 244 8.65 -2.69 8.57
CA GLU A 244 7.74 -2.16 9.56
C GLU A 244 6.26 -2.28 9.20
N GLU A 245 5.94 -2.00 7.94
CA GLU A 245 4.56 -2.07 7.47
C GLU A 245 3.98 -3.48 7.45
N VAL A 246 4.63 -4.39 6.74
CA VAL A 246 4.16 -5.77 6.64
C VAL A 246 3.97 -6.36 8.04
N VAL A 247 5.01 -6.27 8.86
CA VAL A 247 4.99 -6.79 10.22
C VAL A 247 3.87 -6.17 11.04
N MSE A 248 3.79 -4.85 11.06
CA MSE A 248 2.78 -4.19 11.85
C MSE A 248 1.38 -4.50 11.35
O MSE A 248 0.43 -4.57 12.12
CB MSE A 248 3.02 -2.68 11.86
CG MSE A 248 2.49 -1.99 13.11
SE MSE A 248 2.99 -2.99 14.76
CE MSE A 248 1.24 -3.54 15.36
N ALA A 249 1.25 -4.67 10.04
CA ALA A 249 -0.04 -4.96 9.47
C ALA A 249 -0.46 -6.33 9.92
N MSE A 250 0.46 -7.28 9.88
CA MSE A 250 0.16 -8.65 10.28
C MSE A 250 -0.30 -8.69 11.72
O MSE A 250 -1.31 -9.31 12.04
CB MSE A 250 1.39 -9.53 10.14
CG MSE A 250 1.78 -9.83 8.71
SE MSE A 250 3.17 -11.17 8.62
CE MSE A 250 4.72 -10.04 8.73
N GLU A 251 0.45 -8.03 12.58
CA GLU A 251 0.12 -7.98 14.00
C GLU A 251 -1.31 -7.46 14.26
N CYS A 252 -1.73 -6.42 13.55
CA CYS A 252 -3.07 -5.88 13.74
C CYS A 252 -4.17 -6.87 13.39
N HIS A 253 -4.00 -7.66 12.32
CA HIS A 253 -5.03 -8.61 11.91
C HIS A 253 -4.72 -10.06 12.18
N LYS A 254 -4.04 -10.34 13.28
CA LYS A 254 -3.69 -11.70 13.64
C LYS A 254 -4.92 -12.60 13.57
N GLU A 255 -5.99 -12.20 14.25
CA GLU A 255 -7.23 -12.99 14.27
C GLU A 255 -7.72 -13.40 12.88
N THR A 256 -7.74 -12.45 11.95
CA THR A 256 -8.20 -12.76 10.62
C THR A 256 -7.17 -13.65 9.89
N LEU A 257 -5.97 -13.09 9.72
CA LEU A 257 -4.86 -13.74 9.03
C LEU A 257 -4.37 -15.04 9.66
N GLY A 258 -3.93 -14.96 10.91
CA GLY A 258 -3.43 -16.16 11.59
C GLY A 258 -1.95 -16.40 11.36
N LEU A 259 -1.14 -15.34 11.43
CA LEU A 259 0.29 -15.47 11.20
C LEU A 259 1.13 -14.85 12.34
N GLU A 260 2.29 -15.44 12.62
CA GLU A 260 3.21 -14.96 13.66
C GLU A 260 4.58 -14.61 13.05
N THR A 261 5.22 -13.58 13.60
CA THR A 261 6.52 -13.14 13.07
C THR A 261 7.77 -13.19 13.93
N GLY A 262 7.63 -13.53 15.20
CA GLY A 262 8.82 -13.56 16.04
C GLY A 262 9.44 -12.17 16.23
N ILE A 263 8.90 -11.17 15.55
CA ILE A 263 9.37 -9.79 15.67
C ILE A 263 8.96 -9.27 17.06
N ASN A 264 9.79 -8.41 17.63
CA ASN A 264 9.50 -7.84 18.92
C ASN A 264 8.94 -6.45 18.67
N HIS A 265 7.65 -6.43 18.35
CA HIS A 265 6.92 -5.20 18.02
C HIS A 265 7.22 -3.92 18.79
N LYS A 266 7.46 -4.02 20.09
CA LYS A 266 7.74 -2.83 20.87
C LYS A 266 8.96 -2.11 20.33
N LYS A 267 10.08 -2.81 20.29
CA LYS A 267 11.32 -2.25 19.79
C LYS A 267 11.30 -1.92 18.30
N LEU A 268 10.14 -2.03 17.67
CA LEU A 268 10.01 -1.76 16.25
C LEU A 268 10.30 -0.34 15.84
N VAL A 269 9.66 0.63 16.49
CA VAL A 269 9.89 2.03 16.13
C VAL A 269 11.32 2.54 16.39
N PRO A 270 11.80 2.42 17.63
CA PRO A 270 13.16 2.90 17.90
C PRO A 270 14.27 2.20 17.08
N ILE A 271 14.20 0.89 16.96
CA ILE A 271 15.21 0.17 16.17
C ILE A 271 15.15 0.63 14.71
N SER A 272 13.94 0.97 14.28
CA SER A 272 13.72 1.44 12.93
C SER A 272 14.35 2.83 12.83
N HIS A 273 14.18 3.65 13.87
CA HIS A 273 14.74 5.00 13.90
C HIS A 273 16.26 4.96 13.84
N LEU A 274 16.84 3.97 14.50
CA LEU A 274 18.27 3.77 14.56
C LEU A 274 18.89 3.51 13.18
N VAL A 275 18.42 2.46 12.50
CA VAL A 275 18.92 2.09 11.19
C VAL A 275 18.70 3.21 10.16
N SER A 276 17.49 3.75 10.13
CA SER A 276 17.18 4.80 9.17
C SER A 276 18.03 6.04 9.38
N THR A 277 18.50 6.27 10.60
CA THR A 277 19.33 7.45 10.87
C THR A 277 20.83 7.18 10.77
N LEU A 278 21.19 5.90 10.93
CA LEU A 278 22.59 5.50 10.87
C LEU A 278 23.00 5.42 9.40
N MSE A 279 22.14 4.82 8.59
CA MSE A 279 22.40 4.70 7.17
C MSE A 279 22.08 6.04 6.50
O MSE A 279 22.27 6.22 5.30
CB MSE A 279 21.56 3.56 6.58
CG MSE A 279 21.86 2.23 7.27
SE MSE A 279 21.25 0.59 6.39
CE MSE A 279 22.77 0.21 5.24
N ARG A 280 21.57 6.97 7.31
CA ARG A 280 21.21 8.31 6.85
C ARG A 280 20.08 8.37 5.84
N MSE A 281 19.04 7.55 6.05
CA MSE A 281 17.88 7.53 5.18
C MSE A 281 16.99 8.78 5.31
O MSE A 281 16.36 8.95 6.38
CB MSE A 281 17.07 6.28 5.47
CG MSE A 281 17.84 5.00 5.32
SE MSE A 281 16.68 3.54 5.71
CE MSE A 281 17.92 2.35 6.60
N GLY B 4 -14.02 2.82 -21.84
CA GLY B 4 -13.45 2.80 -20.46
C GLY B 4 -14.43 3.29 -19.41
N LYS B 5 -14.43 2.64 -18.24
CA LYS B 5 -15.31 3.03 -17.14
C LYS B 5 -14.69 4.21 -16.38
N ARG B 6 -15.41 5.32 -16.33
CA ARG B 6 -14.91 6.53 -15.68
C ARG B 6 -14.85 6.50 -14.16
N ILE B 7 -13.66 6.80 -13.64
CA ILE B 7 -13.46 6.85 -12.22
C ILE B 7 -13.15 8.29 -11.90
N PHE B 8 -13.87 8.86 -10.94
CA PHE B 8 -13.67 10.26 -10.58
C PHE B 8 -12.64 10.48 -9.48
N VAL B 9 -11.80 11.48 -9.69
CA VAL B 9 -10.77 11.83 -8.74
C VAL B 9 -11.23 13.01 -7.90
N PHE B 10 -11.44 12.77 -6.60
CA PHE B 10 -11.86 13.84 -5.69
C PHE B 10 -10.65 14.13 -4.80
N ASP B 11 -10.01 15.27 -5.06
CA ASP B 11 -8.82 15.69 -4.33
C ASP B 11 -9.13 16.47 -3.07
N THR B 12 -8.34 16.24 -2.02
CA THR B 12 -8.57 16.89 -0.73
C THR B 12 -7.30 17.51 -0.17
N THR B 13 -6.24 17.57 -0.96
CA THR B 13 -5.03 18.12 -0.40
C THR B 13 -5.25 19.55 0.08
N LEU B 14 -6.06 20.32 -0.63
CA LEU B 14 -6.27 21.69 -0.17
C LEU B 14 -6.90 21.74 1.20
N ARG B 15 -7.54 20.65 1.60
CA ARG B 15 -8.21 20.60 2.90
C ARG B 15 -7.46 19.75 3.93
N ASP B 16 -7.40 18.44 3.69
CA ASP B 16 -6.72 17.53 4.60
C ASP B 16 -5.25 17.89 4.81
N GLY B 17 -4.60 18.41 3.77
CA GLY B 17 -3.20 18.82 3.89
C GLY B 17 -3.24 20.26 4.37
N GLU B 18 -3.89 20.45 5.51
CA GLU B 18 -4.10 21.75 6.16
C GLU B 18 -2.92 22.67 6.51
N GLN B 19 -1.70 22.26 6.19
CA GLN B 19 -0.53 23.09 6.48
C GLN B 19 -0.17 23.99 5.29
N LEU B 25 -3.09 26.66 4.82
CA LEU B 25 -1.97 27.23 4.07
C LEU B 25 -2.10 28.75 3.91
N ASN B 26 -2.15 29.22 2.66
CA ASN B 26 -2.27 30.64 2.36
C ASN B 26 -3.26 30.89 1.22
N THR B 27 -4.21 31.80 1.42
CA THR B 27 -5.21 32.10 0.40
C THR B 27 -4.64 32.30 -0.99
N GLU B 28 -3.46 32.93 -1.07
CA GLU B 28 -2.82 33.12 -2.36
C GLU B 28 -2.45 31.75 -2.86
N GLU B 29 -1.51 31.14 -2.15
CA GLU B 29 -1.00 29.82 -2.46
C GLU B 29 -2.10 28.81 -2.73
N LYS B 30 -3.21 28.90 -1.98
CA LYS B 30 -4.33 27.99 -2.15
C LYS B 30 -4.73 27.89 -3.60
N ILE B 31 -4.99 29.04 -4.22
CA ILE B 31 -5.41 29.10 -5.62
C ILE B 31 -4.36 28.53 -6.56
N ILE B 32 -3.10 28.78 -6.25
CA ILE B 32 -1.99 28.27 -7.05
C ILE B 32 -2.02 26.73 -7.01
N VAL B 33 -2.33 26.18 -5.85
CA VAL B 33 -2.42 24.74 -5.70
C VAL B 33 -3.72 24.33 -6.37
N ALA B 34 -4.76 25.13 -6.15
CA ALA B 34 -6.09 24.89 -6.70
C ALA B 34 -6.13 24.83 -8.23
N LYS B 35 -5.42 25.74 -8.90
CA LYS B 35 -5.43 25.72 -10.35
C LYS B 35 -4.52 24.62 -10.90
N ALA B 36 -3.37 24.43 -10.26
CA ALA B 36 -2.46 23.36 -10.69
C ALA B 36 -3.29 22.08 -10.62
N LEU B 37 -4.08 21.95 -9.55
CA LEU B 37 -4.94 20.78 -9.39
C LEU B 37 -5.90 20.71 -10.57
N ASP B 38 -6.35 21.88 -11.00
CA ASP B 38 -7.29 21.99 -12.11
C ASP B 38 -6.63 21.60 -13.43
N GLU B 39 -5.44 22.13 -13.67
CA GLU B 39 -4.74 21.80 -14.90
C GLU B 39 -4.07 20.42 -14.82
N LEU B 40 -4.60 19.54 -13.97
CA LEU B 40 -4.09 18.17 -13.80
C LEU B 40 -5.19 17.17 -14.16
N GLY B 41 -6.41 17.68 -14.29
CA GLY B 41 -7.52 16.82 -14.66
C GLY B 41 -8.34 16.25 -13.51
N VAL B 42 -8.43 16.98 -12.40
CA VAL B 42 -9.19 16.49 -11.26
C VAL B 42 -10.67 16.85 -11.36
N ASP B 43 -11.52 15.84 -11.18
CA ASP B 43 -12.97 16.03 -11.25
C ASP B 43 -13.56 16.88 -10.13
N VAL B 44 -13.05 16.71 -8.92
CA VAL B 44 -13.58 17.48 -7.81
C VAL B 44 -12.49 17.81 -6.80
N ILE B 45 -12.32 19.09 -6.50
CA ILE B 45 -11.31 19.45 -5.51
C ILE B 45 -11.93 20.17 -4.32
N GLU B 46 -11.95 19.49 -3.18
CA GLU B 46 -12.49 20.03 -1.93
C GLU B 46 -11.63 21.24 -1.58
N ALA B 47 -12.23 22.42 -1.71
CA ALA B 47 -11.54 23.67 -1.45
C ALA B 47 -11.38 24.04 0.01
N GLY B 48 -12.22 23.52 0.88
CA GLY B 48 -12.04 23.87 2.28
C GLY B 48 -13.19 23.62 3.24
N PHE B 49 -13.17 24.38 4.33
CA PHE B 49 -14.16 24.29 5.37
C PHE B 49 -14.58 25.73 5.69
N PRO B 50 -15.65 26.24 5.05
CA PRO B 50 -16.16 27.61 5.26
C PRO B 50 -16.32 27.99 6.74
N VAL B 51 -17.25 27.31 7.41
CA VAL B 51 -17.54 27.52 8.83
C VAL B 51 -16.29 27.81 9.67
N SER B 52 -15.28 26.95 9.55
CA SER B 52 -14.02 27.10 10.29
C SER B 52 -13.69 28.55 10.66
N SER B 53 -13.49 29.40 9.65
CA SER B 53 -13.21 30.81 9.90
C SER B 53 -13.58 31.61 8.65
N PRO B 54 -13.64 32.94 8.77
CA PRO B 54 -13.98 33.80 7.63
C PRO B 54 -12.94 33.68 6.54
N GLY B 55 -11.70 33.46 6.97
CA GLY B 55 -10.59 33.32 6.03
C GLY B 55 -10.81 32.12 5.12
N ASP B 56 -11.09 30.97 5.71
CA ASP B 56 -11.32 29.78 4.92
C ASP B 56 -12.54 30.01 4.06
N PHE B 57 -13.56 30.64 4.63
CA PHE B 57 -14.79 30.94 3.88
C PHE B 57 -14.41 31.76 2.65
N ASN B 58 -13.74 32.89 2.88
CA ASN B 58 -13.34 33.75 1.77
C ASN B 58 -12.40 33.03 0.80
N SER B 59 -11.43 32.31 1.36
CA SER B 59 -10.48 31.58 0.54
C SER B 59 -11.25 30.72 -0.47
N VAL B 60 -12.32 30.08 0.01
CA VAL B 60 -13.15 29.23 -0.83
C VAL B 60 -13.73 30.03 -1.99
N VAL B 61 -14.53 31.04 -1.69
CA VAL B 61 -15.14 31.87 -2.72
C VAL B 61 -14.09 32.34 -3.73
N GLU B 62 -12.91 32.72 -3.23
CA GLU B 62 -11.85 33.20 -4.09
C GLU B 62 -11.29 32.12 -4.99
N ILE B 63 -11.47 30.86 -4.62
CA ILE B 63 -11.00 29.76 -5.43
C ILE B 63 -12.02 29.53 -6.54
N THR B 64 -13.29 29.51 -6.15
CA THR B 64 -14.39 29.30 -7.08
C THR B 64 -14.45 30.36 -8.16
N LYS B 65 -13.72 31.46 -7.97
CA LYS B 65 -13.68 32.54 -8.96
C LYS B 65 -12.45 32.45 -9.86
N ALA B 66 -11.47 31.64 -9.46
CA ALA B 66 -10.25 31.47 -10.24
C ALA B 66 -10.23 30.11 -10.95
N VAL B 67 -10.84 29.11 -10.32
CA VAL B 67 -10.92 27.77 -10.91
C VAL B 67 -12.40 27.54 -11.20
N THR B 68 -12.71 26.97 -12.36
CA THR B 68 -14.11 26.77 -12.73
C THR B 68 -14.43 25.47 -13.45
N ARG B 69 -13.46 24.89 -14.13
CA ARG B 69 -13.68 23.62 -14.83
C ARG B 69 -14.11 22.51 -13.86
N PRO B 70 -13.24 22.14 -12.89
CA PRO B 70 -13.65 21.08 -11.97
C PRO B 70 -14.68 21.60 -10.97
N THR B 71 -15.46 20.70 -10.37
CA THR B 71 -16.48 21.11 -9.42
C THR B 71 -15.87 21.39 -8.05
N ILE B 72 -16.05 22.62 -7.58
CA ILE B 72 -15.52 23.05 -6.30
C ILE B 72 -16.37 22.52 -5.15
N CYS B 73 -15.72 21.90 -4.18
CA CYS B 73 -16.43 21.32 -3.04
C CYS B 73 -16.12 21.93 -1.68
N ALA B 74 -17.12 21.91 -0.80
CA ALA B 74 -16.94 22.44 0.55
C ALA B 74 -17.32 21.39 1.59
N LEU B 75 -16.45 21.22 2.59
CA LEU B 75 -16.69 20.27 3.67
C LEU B 75 -17.52 21.00 4.74
N THR B 76 -18.49 20.32 5.33
CA THR B 76 -19.32 20.97 6.34
C THR B 76 -20.03 20.05 7.33
N ARG B 77 -20.24 20.56 8.54
CA ARG B 77 -20.95 19.82 9.58
C ARG B 77 -22.41 19.80 9.12
N ALA B 78 -23.15 18.77 9.51
CA ALA B 78 -24.56 18.65 9.14
C ALA B 78 -25.40 19.89 9.54
N LYS B 79 -24.97 20.60 10.59
CA LYS B 79 -25.68 21.81 11.05
C LYS B 79 -26.21 22.67 9.90
N GLU B 80 -27.53 22.73 9.78
CA GLU B 80 -28.19 23.48 8.71
C GLU B 80 -27.59 24.89 8.54
N ALA B 81 -27.29 25.57 9.64
CA ALA B 81 -26.70 26.90 9.53
C ALA B 81 -25.38 26.74 8.77
N ASP B 82 -24.58 25.78 9.22
CA ASP B 82 -23.29 25.49 8.59
C ASP B 82 -23.46 25.18 7.11
N ILE B 83 -24.50 24.41 6.77
CA ILE B 83 -24.76 24.06 5.39
C ILE B 83 -25.05 25.29 4.51
N ASN B 84 -25.89 26.21 4.99
CA ASN B 84 -26.20 27.41 4.22
C ASN B 84 -25.00 28.34 4.07
N ILE B 85 -24.07 28.27 5.02
CA ILE B 85 -22.88 29.08 4.94
C ILE B 85 -22.06 28.49 3.81
N ALA B 86 -22.03 27.16 3.79
CA ALA B 86 -21.29 26.42 2.79
C ALA B 86 -21.73 26.90 1.41
N GLY B 87 -23.03 26.79 1.15
CA GLY B 87 -23.58 27.23 -0.11
C GLY B 87 -23.10 28.64 -0.44
N GLU B 88 -23.32 29.56 0.50
CA GLU B 88 -22.91 30.93 0.31
C GLU B 88 -21.45 31.13 -0.08
N ALA B 89 -20.58 30.23 0.34
CA ALA B 89 -19.16 30.36 0.01
C ALA B 89 -18.91 29.81 -1.39
N LEU B 90 -19.87 29.02 -1.87
CA LEU B 90 -19.77 28.40 -3.18
C LEU B 90 -20.65 29.05 -4.23
N ARG B 91 -21.45 30.04 -3.82
CA ARG B 91 -22.37 30.73 -4.73
C ARG B 91 -21.81 30.95 -6.14
N PHE B 92 -20.64 31.57 -6.23
CA PHE B 92 -20.00 31.87 -7.51
C PHE B 92 -19.46 30.65 -8.26
N ALA B 93 -19.03 29.63 -7.52
CA ALA B 93 -18.48 28.45 -8.15
C ALA B 93 -19.39 27.93 -9.25
N LYS B 94 -18.82 27.63 -10.41
CA LYS B 94 -19.57 27.10 -11.54
C LYS B 94 -20.32 25.86 -11.07
N ARG B 95 -19.56 24.82 -10.73
CA ARG B 95 -20.11 23.55 -10.26
C ARG B 95 -19.81 23.44 -8.76
N SER B 96 -20.83 23.64 -7.94
CA SER B 96 -20.70 23.61 -6.49
C SER B 96 -21.08 22.29 -5.83
N ARG B 97 -20.25 21.83 -4.91
CA ARG B 97 -20.54 20.59 -4.19
C ARG B 97 -20.39 20.72 -2.69
N ILE B 98 -21.35 20.18 -1.94
CA ILE B 98 -21.29 20.21 -0.50
C ILE B 98 -21.08 18.80 0.06
N HIS B 99 -19.98 18.65 0.79
CA HIS B 99 -19.60 17.37 1.40
C HIS B 99 -19.97 17.42 2.86
N THR B 100 -20.94 16.61 3.26
CA THR B 100 -21.33 16.58 4.67
C THR B 100 -21.61 15.13 5.04
N GLY B 101 -21.78 14.86 6.34
CA GLY B 101 -22.01 13.50 6.75
C GLY B 101 -22.32 13.33 8.22
N ILE B 102 -22.51 12.08 8.63
CA ILE B 102 -22.82 11.82 10.01
C ILE B 102 -22.20 10.48 10.40
N GLY B 103 -22.06 10.24 11.70
CA GLY B 103 -21.52 8.98 12.17
C GLY B 103 -22.36 7.79 11.70
N SER B 104 -21.68 6.68 11.46
CA SER B 104 -22.35 5.48 10.97
C SER B 104 -22.34 4.32 11.96
N SER B 105 -21.45 4.41 12.95
CA SER B 105 -21.32 3.38 13.98
C SER B 105 -22.28 3.40 15.16
N ASP B 106 -22.55 2.21 15.68
CA ASP B 106 -23.42 2.09 16.83
C ASP B 106 -22.61 2.68 17.96
N ILE B 107 -21.30 2.69 17.76
CA ILE B 107 -20.38 3.22 18.75
C ILE B 107 -20.51 4.72 18.82
N HIS B 108 -20.50 5.38 17.67
CA HIS B 108 -20.61 6.84 17.64
C HIS B 108 -21.94 7.38 18.10
N ILE B 109 -22.99 6.74 17.63
CA ILE B 109 -24.33 7.19 17.95
C ILE B 109 -24.59 6.99 19.42
N GLU B 110 -24.17 5.85 19.94
CA GLU B 110 -24.37 5.58 21.35
C GLU B 110 -23.45 6.44 22.23
N HIS B 111 -22.19 6.59 21.82
CA HIS B 111 -21.22 7.32 22.63
C HIS B 111 -20.81 8.74 22.27
N LYS B 112 -20.91 9.14 21.00
CA LYS B 112 -20.54 10.51 20.63
C LYS B 112 -21.78 11.38 20.38
N LEU B 113 -22.65 10.90 19.49
CA LEU B 113 -23.88 11.59 19.15
C LEU B 113 -24.96 11.37 20.22
N ARG B 114 -24.66 10.44 21.14
CA ARG B 114 -25.41 10.16 22.35
C ARG B 114 -26.91 10.34 22.40
N SER B 115 -27.39 11.53 22.05
CA SER B 115 -28.83 11.83 22.07
C SER B 115 -29.60 10.97 21.09
N THR B 116 -28.89 10.49 20.08
CA THR B 116 -29.54 9.73 19.05
C THR B 116 -29.34 8.24 19.02
N ARG B 117 -30.22 7.60 18.25
CA ARG B 117 -30.23 6.16 18.06
C ARG B 117 -30.32 5.95 16.54
N GLU B 118 -29.91 4.79 16.05
CA GLU B 118 -29.93 4.52 14.61
C GLU B 118 -31.02 5.28 13.87
N ASN B 119 -32.20 5.38 14.47
CA ASN B 119 -33.33 6.06 13.82
C ASN B 119 -33.38 7.60 13.86
N ILE B 120 -33.11 8.24 15.00
CA ILE B 120 -33.18 9.69 14.99
C ILE B 120 -31.97 10.15 14.18
N LEU B 121 -30.93 9.33 14.21
CA LEU B 121 -29.69 9.62 13.52
C LEU B 121 -29.89 9.78 12.04
N GLU B 122 -31.07 9.36 11.58
CA GLU B 122 -31.42 9.51 10.19
C GLU B 122 -32.18 10.83 10.07
N MSE B 123 -31.45 11.86 10.51
CA MSE B 123 -31.82 13.26 10.48
C MSE B 123 -30.78 13.68 9.42
O MSE B 123 -30.54 14.86 9.16
CB MSE B 123 -31.50 13.91 11.83
CG MSE B 123 -30.00 13.80 12.21
SE MSE B 123 -29.44 14.51 13.98
CE MSE B 123 -29.52 12.88 15.02
N ALA B 124 -30.15 12.65 8.86
CA ALA B 124 -29.14 12.80 7.83
C ALA B 124 -29.87 13.09 6.53
N VAL B 125 -31.02 12.44 6.36
CA VAL B 125 -31.85 12.63 5.19
C VAL B 125 -32.25 14.10 5.20
N ALA B 126 -32.33 14.64 6.40
CA ALA B 126 -32.70 16.01 6.61
C ALA B 126 -31.62 16.95 6.11
N ALA B 127 -30.37 16.67 6.45
CA ALA B 127 -29.24 17.50 6.04
C ALA B 127 -28.97 17.41 4.54
N VAL B 128 -29.22 16.25 3.96
CA VAL B 128 -28.99 16.08 2.53
C VAL B 128 -29.98 16.86 1.66
N LYS B 129 -31.22 17.00 2.13
CA LYS B 129 -32.23 17.73 1.37
C LYS B 129 -31.96 19.22 1.43
N GLN B 130 -31.53 19.68 2.60
CA GLN B 130 -31.23 21.10 2.80
C GLN B 130 -30.08 21.49 1.91
N ALA B 131 -29.01 20.69 1.98
CA ALA B 131 -27.81 20.95 1.20
C ALA B 131 -28.08 20.83 -0.29
N LYS B 132 -28.88 19.83 -0.66
CA LYS B 132 -29.23 19.60 -2.06
C LYS B 132 -29.96 20.75 -2.76
N LYS B 133 -30.38 21.75 -1.99
CA LYS B 133 -31.07 22.87 -2.61
C LYS B 133 -30.16 24.08 -2.73
N VAL B 134 -29.14 24.14 -1.90
CA VAL B 134 -28.21 25.26 -1.93
C VAL B 134 -27.01 25.09 -2.88
N VAL B 135 -26.75 23.85 -3.29
CA VAL B 135 -25.63 23.56 -4.18
C VAL B 135 -25.97 22.49 -5.21
N HIS B 136 -25.19 22.43 -6.29
CA HIS B 136 -25.44 21.46 -7.35
C HIS B 136 -25.31 20.02 -6.86
N GLU B 137 -24.12 19.64 -6.38
CA GLU B 137 -23.87 18.27 -5.91
C GLU B 137 -23.75 18.17 -4.39
N VAL B 138 -24.10 17.01 -3.85
CA VAL B 138 -24.04 16.76 -2.41
C VAL B 138 -23.46 15.40 -2.04
N GLU B 139 -22.17 15.36 -1.69
CA GLU B 139 -21.54 14.11 -1.29
C GLU B 139 -21.80 13.90 0.20
N PHE B 140 -22.23 12.71 0.59
CA PHE B 140 -22.55 12.40 1.98
C PHE B 140 -21.75 11.23 2.60
N PHE B 141 -20.80 11.52 3.47
CA PHE B 141 -20.04 10.43 4.08
C PHE B 141 -20.76 9.78 5.25
N CYS B 142 -20.73 8.46 5.25
CA CYS B 142 -21.33 7.69 6.33
C CYS B 142 -20.15 7.34 7.26
N GLU B 143 -19.59 8.34 7.91
CA GLU B 143 -18.43 8.16 8.77
C GLU B 143 -18.29 6.85 9.54
N ASP B 144 -17.06 6.40 9.66
CA ASP B 144 -16.75 5.16 10.35
C ASP B 144 -17.58 3.99 9.79
N ALA B 145 -17.79 4.03 8.49
CA ALA B 145 -18.57 3.01 7.79
C ALA B 145 -17.92 1.66 7.91
N GLY B 146 -16.61 1.66 8.13
CA GLY B 146 -15.87 0.43 8.25
C GLY B 146 -16.23 -0.34 9.51
N ARG B 147 -16.87 0.32 10.46
CA ARG B 147 -17.24 -0.34 11.71
C ARG B 147 -18.75 -0.41 11.94
N ALA B 148 -19.50 0.24 11.06
CA ALA B 148 -20.96 0.26 11.15
C ALA B 148 -21.56 -1.09 10.81
N ASP B 149 -22.75 -1.34 11.32
CA ASP B 149 -23.45 -2.59 11.02
C ASP B 149 -23.80 -2.54 9.54
N GLN B 150 -23.22 -3.44 8.75
CA GLN B 150 -23.46 -3.46 7.31
C GLN B 150 -24.92 -3.34 6.94
N ALA B 151 -25.80 -3.97 7.69
CA ALA B 151 -27.22 -3.88 7.41
C ALA B 151 -27.68 -2.42 7.54
N PHE B 152 -27.40 -1.82 8.69
CA PHE B 152 -27.78 -0.43 8.92
C PHE B 152 -27.04 0.50 7.96
N LEU B 153 -25.80 0.19 7.64
CA LEU B 153 -25.02 1.03 6.74
C LEU B 153 -25.66 1.03 5.36
N ALA B 154 -26.34 -0.06 5.03
CA ALA B 154 -27.02 -0.17 3.76
C ALA B 154 -28.23 0.76 3.77
N ARG B 155 -29.04 0.62 4.81
CA ARG B 155 -30.24 1.44 4.95
C ARG B 155 -29.91 2.91 4.91
N MSE B 156 -28.79 3.30 5.52
CA MSE B 156 -28.38 4.70 5.52
C MSE B 156 -28.09 5.16 4.11
O MSE B 156 -28.52 6.23 3.70
CB MSE B 156 -27.15 4.92 6.37
CG MSE B 156 -26.66 6.36 6.35
SE MSE B 156 -25.33 6.79 7.72
CE MSE B 156 -26.51 7.03 9.21
N VAL B 157 -27.34 4.36 3.38
CA VAL B 157 -27.01 4.70 2.00
C VAL B 157 -28.31 4.75 1.18
N GLU B 158 -29.16 3.75 1.35
CA GLU B 158 -30.44 3.72 0.64
C GLU B 158 -31.20 4.99 0.94
N ALA B 159 -31.30 5.33 2.23
CA ALA B 159 -32.03 6.51 2.69
C ALA B 159 -31.44 7.86 2.33
N VAL B 160 -30.12 7.95 2.31
CA VAL B 160 -29.48 9.23 2.00
C VAL B 160 -29.53 9.50 0.49
N ILE B 161 -29.66 8.45 -0.31
CA ILE B 161 -29.73 8.59 -1.77
C ILE B 161 -31.18 9.00 -2.11
N GLU B 162 -32.14 8.32 -1.48
CA GLU B 162 -33.55 8.63 -1.67
C GLU B 162 -33.87 9.89 -0.88
N ALA B 163 -32.87 10.76 -0.79
CA ALA B 163 -32.97 12.02 -0.09
C ALA B 163 -32.26 13.02 -0.98
N GLY B 164 -31.78 12.52 -2.12
CA GLY B 164 -31.10 13.37 -3.06
C GLY B 164 -29.64 13.08 -3.30
N ALA B 165 -28.93 12.66 -2.24
CA ALA B 165 -27.49 12.36 -2.28
C ALA B 165 -26.94 11.88 -3.62
N ASP B 166 -26.00 12.63 -4.17
CA ASP B 166 -25.40 12.29 -5.46
C ASP B 166 -24.25 11.32 -5.24
N VAL B 167 -23.49 11.55 -4.17
CA VAL B 167 -22.34 10.72 -3.85
C VAL B 167 -22.32 10.35 -2.37
N VAL B 168 -22.19 9.05 -2.09
CA VAL B 168 -22.14 8.56 -0.72
C VAL B 168 -20.71 8.09 -0.41
N ASN B 169 -20.09 8.70 0.59
CA ASN B 169 -18.72 8.37 0.99
C ASN B 169 -18.71 7.21 1.97
N ILE B 170 -17.81 6.25 1.78
CA ILE B 170 -17.69 5.10 2.67
C ILE B 170 -16.24 5.01 3.12
N PRO B 171 -15.81 5.90 4.01
CA PRO B 171 -14.43 5.96 4.53
C PRO B 171 -14.05 5.03 5.66
N ASP B 172 -12.89 4.39 5.53
CA ASP B 172 -12.37 3.52 6.58
C ASP B 172 -11.70 4.48 7.54
N THR B 173 -12.50 5.08 8.41
CA THR B 173 -11.99 6.07 9.36
C THR B 173 -10.82 5.57 10.21
N THR B 174 -10.87 4.32 10.67
CA THR B 174 -9.77 3.78 11.48
C THR B 174 -8.45 3.75 10.69
N GLY B 175 -8.52 3.32 9.43
CA GLY B 175 -7.35 3.25 8.58
C GLY B 175 -6.61 1.93 8.74
N TYR B 176 -7.24 0.99 9.44
CA TYR B 176 -6.63 -0.32 9.68
C TYR B 176 -7.34 -1.44 8.96
N MSE B 177 -8.00 -1.15 7.84
CA MSE B 177 -8.68 -2.21 7.12
C MSE B 177 -7.79 -2.86 6.07
O MSE B 177 -6.89 -2.23 5.52
CB MSE B 177 -9.93 -1.66 6.44
CG MSE B 177 -11.06 -1.40 7.39
SE MSE B 177 -12.70 -1.62 6.46
CE MSE B 177 -13.24 0.22 6.34
N LEU B 178 -8.06 -4.13 5.79
CA LEU B 178 -7.30 -4.87 4.80
C LEU B 178 -7.95 -4.69 3.46
N PRO B 179 -7.17 -4.76 2.37
CA PRO B 179 -7.64 -4.60 0.98
C PRO B 179 -8.97 -5.26 0.70
N TRP B 180 -9.05 -6.57 0.93
CA TRP B 180 -10.28 -7.31 0.69
C TRP B 180 -11.39 -6.99 1.69
N GLN B 181 -11.04 -6.87 2.96
CA GLN B 181 -12.08 -6.57 3.93
C GLN B 181 -12.88 -5.38 3.40
N TYR B 182 -12.18 -4.34 2.99
CA TYR B 182 -12.79 -3.13 2.48
C TYR B 182 -13.46 -3.42 1.16
N GLY B 183 -12.85 -4.28 0.36
CA GLY B 183 -13.45 -4.65 -0.91
C GLY B 183 -14.87 -5.17 -0.73
N GLU B 184 -15.07 -5.96 0.31
CA GLU B 184 -16.40 -6.51 0.55
C GLU B 184 -17.35 -5.46 1.05
N ARG B 185 -16.85 -4.56 1.89
CA ARG B 185 -17.74 -3.54 2.43
C ARG B 185 -18.32 -2.70 1.32
N ILE B 186 -17.60 -2.57 0.20
CA ILE B 186 -18.14 -1.82 -0.92
C ILE B 186 -19.00 -2.76 -1.74
N LYS B 187 -18.55 -4.01 -1.89
CA LYS B 187 -19.31 -4.99 -2.65
C LYS B 187 -20.69 -5.18 -2.06
N TYR B 188 -20.74 -5.36 -0.74
CA TYR B 188 -21.99 -5.52 -0.03
C TYR B 188 -22.96 -4.40 -0.39
N LEU B 189 -22.53 -3.15 -0.20
CA LEU B 189 -23.37 -2.02 -0.50
C LEU B 189 -23.89 -2.05 -1.94
N MSE B 190 -23.02 -2.40 -2.88
CA MSE B 190 -23.42 -2.48 -4.28
C MSE B 190 -24.45 -3.60 -4.47
O MSE B 190 -25.22 -3.58 -5.42
CB MSE B 190 -22.22 -2.79 -5.18
CG MSE B 190 -21.11 -1.78 -5.15
SE MSE B 190 -21.74 -0.04 -5.61
CE MSE B 190 -21.48 0.01 -7.52
N ASP B 191 -24.43 -4.57 -3.55
CA ASP B 191 -25.32 -5.73 -3.64
C ASP B 191 -26.53 -5.67 -2.73
N ASN B 192 -26.55 -4.71 -1.80
CA ASN B 192 -27.66 -4.60 -0.86
C ASN B 192 -28.28 -3.22 -0.73
N VAL B 193 -27.97 -2.33 -1.66
CA VAL B 193 -28.54 -0.99 -1.60
C VAL B 193 -29.48 -0.74 -2.79
N SER B 194 -30.76 -1.03 -2.55
CA SER B 194 -31.84 -0.87 -3.53
C SER B 194 -31.60 0.16 -4.64
N ASN B 195 -31.12 1.34 -4.27
CA ASN B 195 -30.94 2.40 -5.27
C ASN B 195 -29.52 2.94 -5.54
N ILE B 196 -28.49 2.08 -5.59
CA ILE B 196 -27.14 2.59 -5.83
C ILE B 196 -26.98 3.07 -7.26
N ASP B 197 -27.80 2.52 -8.17
CA ASP B 197 -27.73 2.90 -9.59
C ASP B 197 -28.00 4.40 -9.73
N LYS B 198 -28.73 4.94 -8.77
CA LYS B 198 -29.09 6.35 -8.78
C LYS B 198 -27.98 7.22 -8.17
N ALA B 199 -26.81 6.63 -7.96
CA ALA B 199 -25.66 7.33 -7.38
C ALA B 199 -24.36 6.52 -7.45
N ILE B 200 -23.36 6.96 -6.71
CA ILE B 200 -22.07 6.29 -6.69
C ILE B 200 -21.34 6.41 -5.34
N LEU B 201 -20.81 5.28 -4.88
CA LEU B 201 -20.04 5.24 -3.65
C LEU B 201 -18.64 5.80 -3.95
N SER B 202 -18.03 6.44 -2.96
CA SER B 202 -16.70 7.01 -3.13
C SER B 202 -15.81 6.46 -2.03
N ALA B 203 -14.62 5.98 -2.41
CA ALA B 203 -13.70 5.44 -1.43
C ALA B 203 -12.86 6.54 -0.78
N HIS B 204 -12.52 6.34 0.47
CA HIS B 204 -11.70 7.28 1.22
C HIS B 204 -11.01 6.40 2.23
N CYS B 205 -9.80 5.99 1.90
CA CYS B 205 -9.06 5.09 2.75
C CYS B 205 -7.91 5.83 3.41
N HIS B 206 -7.55 5.40 4.61
CA HIS B 206 -6.44 6.02 5.33
C HIS B 206 -5.22 5.11 5.32
N ASN B 207 -4.05 5.71 5.17
CA ASN B 207 -2.79 4.96 5.07
C ASN B 207 -2.09 4.63 6.39
N ASP B 208 -2.86 4.18 7.37
CA ASP B 208 -2.27 3.84 8.66
C ASP B 208 -1.42 2.58 8.56
N LEU B 209 -1.91 1.61 7.80
CA LEU B 209 -1.17 0.36 7.62
C LEU B 209 -0.40 0.41 6.30
N GLY B 210 -0.32 1.61 5.73
CA GLY B 210 0.35 1.83 4.45
C GLY B 210 -0.37 1.05 3.36
N LEU B 211 -1.69 0.87 3.52
CA LEU B 211 -2.52 0.13 2.57
C LEU B 211 -3.64 0.97 1.91
N ALA B 212 -3.48 2.28 1.87
CA ALA B 212 -4.48 3.15 1.27
C ALA B 212 -4.67 2.93 -0.23
N THR B 213 -3.57 2.96 -0.97
CA THR B 213 -3.66 2.77 -2.41
C THR B 213 -4.30 1.42 -2.74
N ALA B 214 -3.78 0.34 -2.19
CA ALA B 214 -4.37 -0.96 -2.49
C ALA B 214 -5.85 -0.97 -2.12
N ASN B 215 -6.17 -0.43 -0.95
CA ASN B 215 -7.56 -0.39 -0.50
C ASN B 215 -8.47 0.34 -1.50
N SER B 216 -8.02 1.50 -1.96
CA SER B 216 -8.79 2.25 -2.91
C SER B 216 -9.06 1.46 -4.18
N LEU B 217 -8.07 0.69 -4.63
CA LEU B 217 -8.25 -0.13 -5.84
C LEU B 217 -9.26 -1.24 -5.60
N ALA B 218 -9.21 -1.88 -4.43
CA ALA B 218 -10.16 -2.93 -4.12
C ALA B 218 -11.54 -2.29 -4.19
N ALA B 219 -11.63 -1.08 -3.65
CA ALA B 219 -12.89 -0.34 -3.64
C ALA B 219 -13.40 -0.10 -5.05
N LEU B 220 -12.50 0.30 -5.95
CA LEU B 220 -12.87 0.57 -7.34
C LEU B 220 -13.24 -0.69 -8.12
N GLN B 221 -12.74 -1.85 -7.69
CA GLN B 221 -13.05 -3.10 -8.37
C GLN B 221 -14.34 -3.70 -7.85
N ASN B 222 -15.04 -2.95 -7.00
CA ASN B 222 -16.28 -3.46 -6.44
C ASN B 222 -17.45 -2.51 -6.58
N GLY B 223 -17.25 -1.42 -7.33
CA GLY B 223 -18.31 -0.46 -7.54
C GLY B 223 -17.98 1.00 -7.32
N ALA B 224 -17.14 1.30 -6.34
CA ALA B 224 -16.80 2.70 -6.09
C ALA B 224 -16.36 3.33 -7.40
N ARG B 225 -16.91 4.49 -7.72
CA ARG B 225 -16.56 5.17 -8.97
C ARG B 225 -15.84 6.50 -8.72
N GLN B 226 -15.73 6.85 -7.45
CA GLN B 226 -15.02 8.05 -7.04
C GLN B 226 -13.96 7.63 -6.03
N VAL B 227 -12.90 8.41 -5.96
CA VAL B 227 -11.82 8.12 -5.04
C VAL B 227 -11.31 9.42 -4.44
N GLU B 228 -11.32 9.45 -3.11
CA GLU B 228 -10.83 10.61 -2.39
C GLU B 228 -9.33 10.37 -2.28
N CYS B 229 -8.54 11.44 -2.42
CA CYS B 229 -7.10 11.32 -2.32
C CYS B 229 -6.45 12.68 -2.32
N THR B 230 -5.16 12.71 -2.01
CA THR B 230 -4.41 13.95 -1.95
C THR B 230 -3.06 13.78 -2.66
N ILE B 231 -2.40 14.89 -2.95
CA ILE B 231 -1.10 14.82 -3.61
C ILE B 231 -0.07 14.36 -2.57
N ASN B 232 0.63 13.28 -2.90
CA ASN B 232 1.63 12.69 -2.03
C ASN B 232 1.02 11.93 -0.85
N GLY B 233 -0.31 11.86 -0.80
CA GLY B 233 -0.98 11.18 0.29
C GLY B 233 -0.98 11.93 1.62
N ILE B 234 -0.83 13.26 1.55
CA ILE B 234 -0.84 14.12 2.73
C ILE B 234 -2.15 14.01 3.52
N GLY B 235 -2.05 14.14 4.85
CA GLY B 235 -3.24 14.05 5.69
C GLY B 235 -2.93 13.74 7.15
N GLU B 236 -3.96 13.82 7.98
CA GLU B 236 -3.83 13.54 9.41
C GLU B 236 -3.19 12.17 9.66
N ARG B 237 -2.40 12.08 10.73
CA ARG B 237 -1.72 10.83 11.10
C ARG B 237 -0.83 10.31 9.98
N ALA B 238 -1.21 9.13 9.46
CA ALA B 238 -0.50 8.46 8.39
C ALA B 238 -1.00 8.94 7.02
N GLY B 239 -1.78 10.02 7.04
CA GLY B 239 -2.31 10.58 5.81
C GLY B 239 -3.31 9.66 5.12
N ASN B 240 -3.68 10.01 3.90
CA ASN B 240 -4.62 9.17 3.19
C ASN B 240 -4.13 8.85 1.79
N THR B 241 -4.95 8.15 1.01
CA THR B 241 -4.60 7.73 -0.33
C THR B 241 -3.87 8.75 -1.22
N ALA B 242 -2.69 8.39 -1.70
CA ALA B 242 -1.94 9.27 -2.59
C ALA B 242 -2.56 9.24 -3.99
N LEU B 243 -2.73 10.43 -4.56
CA LEU B 243 -3.33 10.58 -5.87
C LEU B 243 -2.51 9.98 -7.02
N GLU B 244 -1.22 10.26 -7.06
CA GLU B 244 -0.37 9.74 -8.14
C GLU B 244 -0.47 8.23 -8.22
N GLU B 245 -0.33 7.58 -7.07
CA GLU B 245 -0.38 6.14 -6.99
C GLU B 245 -1.64 5.50 -7.57
N VAL B 246 -2.80 5.78 -7.00
CA VAL B 246 -4.04 5.20 -7.50
C VAL B 246 -4.15 5.49 -8.99
N VAL B 247 -4.09 6.78 -9.33
CA VAL B 247 -4.18 7.25 -10.71
C VAL B 247 -3.20 6.58 -11.68
N MSE B 248 -2.02 6.22 -11.20
CA MSE B 248 -1.03 5.57 -12.05
C MSE B 248 -1.15 4.05 -11.97
O MSE B 248 -0.58 3.34 -12.79
CB MSE B 248 0.37 6.00 -11.63
CG MSE B 248 1.38 5.97 -12.75
SE MSE B 248 0.94 7.22 -14.18
CE MSE B 248 1.89 8.81 -13.59
N ALA B 249 -1.86 3.55 -10.97
CA ALA B 249 -2.05 2.12 -10.84
C ALA B 249 -3.19 1.70 -11.76
N MSE B 250 -4.18 2.58 -11.93
CA MSE B 250 -5.31 2.28 -12.79
C MSE B 250 -4.89 2.33 -14.24
O MSE B 250 -5.47 1.67 -15.12
CB MSE B 250 -6.43 3.29 -12.58
CG MSE B 250 -7.31 3.01 -11.39
SE MSE B 250 -8.67 4.36 -11.23
CE MSE B 250 -7.55 5.78 -10.52
N GLU B 251 -3.87 3.13 -14.50
CA GLU B 251 -3.35 3.32 -15.85
C GLU B 251 -2.42 2.21 -16.30
N CYS B 252 -1.68 1.62 -15.36
CA CYS B 252 -0.78 0.53 -15.70
C CYS B 252 -1.53 -0.78 -15.78
N HIS B 253 -2.85 -0.71 -15.64
CA HIS B 253 -3.64 -1.91 -15.70
C HIS B 253 -4.97 -1.72 -16.41
N LYS B 254 -5.08 -0.64 -17.19
CA LYS B 254 -6.32 -0.35 -17.93
C LYS B 254 -6.85 -1.59 -18.63
N GLU B 255 -5.96 -2.34 -19.26
CA GLU B 255 -6.32 -3.55 -19.98
C GLU B 255 -6.82 -4.69 -19.08
N THR B 256 -6.90 -4.45 -17.78
CA THR B 256 -7.36 -5.49 -16.86
C THR B 256 -8.46 -4.94 -15.95
N LEU B 257 -8.32 -3.68 -15.57
CA LEU B 257 -9.31 -3.04 -14.70
C LEU B 257 -10.37 -2.32 -15.53
N GLY B 258 -10.03 -1.98 -16.77
CA GLY B 258 -10.96 -1.26 -17.62
C GLY B 258 -11.44 0.02 -16.96
N LEU B 259 -10.49 0.76 -16.38
CA LEU B 259 -10.81 2.01 -15.71
C LEU B 259 -9.89 3.18 -16.08
N GLU B 260 -10.49 4.35 -16.29
CA GLU B 260 -9.69 5.53 -16.57
C GLU B 260 -10.24 6.79 -15.92
N THR B 261 -9.38 7.79 -15.80
CA THR B 261 -9.71 9.04 -15.15
C THR B 261 -9.34 10.18 -16.07
N GLY B 262 -9.87 11.37 -15.78
CA GLY B 262 -9.54 12.50 -16.61
C GLY B 262 -8.24 13.12 -16.15
N ILE B 263 -7.30 12.31 -15.69
CA ILE B 263 -6.04 12.83 -15.21
C ILE B 263 -4.98 12.91 -16.30
N ASN B 264 -4.21 13.99 -16.26
CA ASN B 264 -3.14 14.20 -17.23
C ASN B 264 -1.86 13.71 -16.56
N HIS B 265 -1.63 12.40 -16.64
CA HIS B 265 -0.47 11.78 -16.04
C HIS B 265 0.80 12.60 -16.30
N LYS B 266 0.95 13.05 -17.55
CA LYS B 266 2.10 13.83 -17.95
C LYS B 266 2.42 15.02 -17.05
N LYS B 267 1.53 15.35 -16.11
CA LYS B 267 1.73 16.47 -15.19
C LYS B 267 1.80 16.04 -13.73
N LEU B 268 1.55 14.76 -13.47
CA LEU B 268 1.58 14.22 -12.13
C LEU B 268 2.87 14.65 -11.40
N VAL B 269 3.98 14.11 -11.86
CA VAL B 269 5.29 14.38 -11.27
C VAL B 269 5.62 15.85 -10.98
N PRO B 270 5.50 16.74 -11.98
CA PRO B 270 5.83 18.14 -11.68
C PRO B 270 4.87 18.79 -10.68
N ILE B 271 3.59 18.70 -10.97
CA ILE B 271 2.56 19.30 -10.12
C ILE B 271 2.66 18.80 -8.68
N SER B 272 3.25 17.63 -8.52
CA SER B 272 3.42 17.04 -7.20
C SER B 272 4.60 17.70 -6.49
N HIS B 273 5.61 18.10 -7.26
CA HIS B 273 6.79 18.72 -6.68
C HIS B 273 6.58 20.19 -6.32
N LEU B 274 5.50 20.79 -6.84
CA LEU B 274 5.23 22.19 -6.53
C LEU B 274 4.19 22.27 -5.43
N VAL B 275 3.36 21.24 -5.30
CA VAL B 275 2.37 21.19 -4.24
C VAL B 275 3.11 20.82 -2.97
N SER B 276 4.19 20.06 -3.13
CA SER B 276 5.03 19.63 -2.02
C SER B 276 5.78 20.84 -1.46
N THR B 277 6.62 21.43 -2.31
CA THR B 277 7.40 22.59 -1.94
C THR B 277 6.52 23.69 -1.34
N LEU B 278 5.38 23.95 -1.97
CA LEU B 278 4.46 24.98 -1.49
C LEU B 278 4.06 24.76 -0.03
N MSE B 279 3.98 23.50 0.38
CA MSE B 279 3.61 23.17 1.76
C MSE B 279 4.85 22.92 2.60
O MSE B 279 4.77 22.49 3.75
CB MSE B 279 2.68 21.97 1.78
CG MSE B 279 1.46 22.19 0.90
SE MSE B 279 0.20 20.76 0.99
CE MSE B 279 -1.45 21.77 1.00
N ARG B 280 6.01 23.20 2.00
CA ARG B 280 7.30 23.06 2.66
C ARG B 280 7.65 21.67 3.18
N MSE B 281 6.70 20.74 3.15
CA MSE B 281 6.97 19.39 3.64
C MSE B 281 7.31 18.39 2.52
O MSE B 281 6.58 18.35 1.51
CB MSE B 281 5.78 18.88 4.47
CG MSE B 281 4.42 18.91 3.77
SE MSE B 281 3.89 17.22 2.95
CE MSE B 281 3.06 16.38 4.48
#